data_8G47
#
_entry.id   8G47
#
_cell.length_a   1.00
_cell.length_b   1.00
_cell.length_c   1.00
_cell.angle_alpha   90.00
_cell.angle_beta   90.00
_cell.angle_gamma   90.00
#
_symmetry.space_group_name_H-M   'P 1'
#
loop_
_entity.id
_entity.type
_entity.pdbx_description
1 polymer 'RCG-33 - Cryo-EM imaging scaffold subunit B fused to DARPin'
2 polymer 'GTPase KRas'
3 non-polymer 'MAGNESIUM ION'
4 non-polymer "GUANOSINE-5'-DIPHOSPHATE"
5 non-polymer 'AMG 510 (bound form)'
#
loop_
_entity_poly.entity_id
_entity_poly.type
_entity_poly.pdbx_seq_one_letter_code
_entity_poly.pdbx_strand_id
1 'polypeptide(L)'
;MFTRRGDQGETDLANRARVGKDSPVVEVQGTIDELNSFIGYALVLSRWDDIRNDLFRIQNDLFVLGEDVSTGGKGRTVTM
DMIIYLIKRSVEMKAEIGKIELFVVPGGSVESASLHMARAVSRRLERRIKAASELTEINANVLLYANMLSNILFMHALIS
NKRKEELDKKLLEAARAGQDDEVAALLAKGADVNAHDTFGFTPLHLAALYGHLEIVEVLLKRGADINADDSYGRTPLHLA
AMRGHLEIVELLLRWGADVNAADEEGRTPLHLAAKRGHLEIVEVLLKNGADVNAQDKFGKTAFDISIDNGNEDLAEILQK
L
;
A
2 'polypeptide(L)'
;MGSSHHHHHHSSGENLYFQSMTEYKLVVVGACGVGKSALTIQLIQNHFVDEYDPTIEDSYRKQVVIDGETCLLDILDTAG
QEEYSAMRDQYMRTGEGFLCVFAINNTKSFEDIHHYREQIKRVKDSEDVPMVLVGNKCDLPSRTVDTKQAQDLARSYGIP
FIETSAKTRQGVDDAFYTLVREIRKHKEK
;
B
#
loop_
_chem_comp.id
_chem_comp.type
_chem_comp.name
_chem_comp.formula
GDP RNA linking GUANOSINE-5'-DIPHOSPHATE 'C10 H15 N5 O11 P2'
MG non-polymer 'MAGNESIUM ION' 'Mg 2'
MOV non-polymer 'AMG 510 (bound form)' 'C30 H32 F2 N6 O3'
#
# COMPACT_ATOMS: atom_id res chain seq x y z
N ARG A 163 -10.33 -2.29 28.77
CA ARG A 163 -10.77 -0.91 28.96
C ARG A 163 -9.89 0.06 28.19
N LYS A 164 -8.61 0.10 28.54
CA LYS A 164 -7.67 0.99 27.86
C LYS A 164 -7.56 0.62 26.39
N GLU A 165 -7.39 -0.67 26.08
CA GLU A 165 -7.29 -1.10 24.70
C GLU A 165 -8.59 -0.84 23.95
N GLU A 166 -9.73 -1.11 24.58
CA GLU A 166 -11.02 -0.85 23.92
C GLU A 166 -11.22 0.63 23.67
N LEU A 167 -10.85 1.47 24.63
CA LEU A 167 -10.98 2.92 24.45
C LEU A 167 -10.06 3.41 23.33
N ASP A 168 -8.84 2.90 23.27
CA ASP A 168 -7.93 3.28 22.20
C ASP A 168 -8.44 2.82 20.84
N LYS A 169 -9.01 1.62 20.77
CA LYS A 169 -9.57 1.14 19.52
C LYS A 169 -10.77 1.97 19.10
N LYS A 170 -11.60 2.39 20.05
CA LYS A 170 -12.71 3.28 19.74
C LYS A 170 -12.22 4.62 19.21
N LEU A 171 -11.15 5.16 19.82
CA LEU A 171 -10.58 6.40 19.32
C LEU A 171 -10.04 6.24 17.91
N LEU A 172 -9.36 5.12 17.63
CA LEU A 172 -8.85 4.87 16.29
C LEU A 172 -9.99 4.76 15.28
N GLU A 173 -11.06 4.06 15.64
CA GLU A 173 -12.21 3.92 14.74
C GLU A 173 -12.89 5.26 14.49
N ALA A 174 -13.01 6.09 15.53
CA ALA A 174 -13.60 7.41 15.35
C ALA A 174 -12.74 8.29 14.46
N ALA A 175 -11.41 8.22 14.63
CA ALA A 175 -10.52 9.00 13.76
C ALA A 175 -10.61 8.52 12.32
N ARG A 176 -10.67 7.20 12.11
CA ARG A 176 -10.75 6.66 10.76
C ARG A 176 -12.07 7.03 10.09
N ALA A 177 -13.19 6.88 10.80
CA ALA A 177 -14.50 7.18 10.23
C ALA A 177 -14.66 8.66 9.93
N GLY A 178 -14.17 9.53 10.81
CA GLY A 178 -14.28 10.96 10.60
C GLY A 178 -15.40 11.59 11.41
N GLN A 179 -15.54 11.17 12.66
CA GLN A 179 -16.55 11.69 13.57
C GLN A 179 -15.84 12.58 14.59
N ASP A 180 -15.86 13.89 14.34
CA ASP A 180 -15.18 14.82 15.23
C ASP A 180 -15.77 14.79 16.63
N ASP A 181 -17.10 14.72 16.73
CA ASP A 181 -17.75 14.67 18.04
C ASP A 181 -17.34 13.41 18.81
N GLU A 182 -17.30 12.26 18.13
CA GLU A 182 -16.88 11.03 18.78
C GLU A 182 -15.42 11.11 19.22
N VAL A 183 -14.56 11.69 18.38
CA VAL A 183 -13.15 11.83 18.75
C VAL A 183 -13.01 12.71 19.98
N ALA A 184 -13.74 13.82 20.02
CA ALA A 184 -13.67 14.70 21.18
C ALA A 184 -14.18 14.02 22.43
N ALA A 185 -15.29 13.28 22.32
CA ALA A 185 -15.83 12.57 23.47
C ALA A 185 -14.87 11.51 23.98
N LEU A 186 -14.22 10.77 23.07
CA LEU A 186 -13.28 9.74 23.49
C LEU A 186 -12.03 10.34 24.10
N LEU A 187 -11.57 11.48 23.57
CA LEU A 187 -10.43 12.16 24.18
C LEU A 187 -10.78 12.65 25.58
N ALA A 188 -12.00 13.17 25.75
CA ALA A 188 -12.46 13.60 27.08
C ALA A 188 -12.72 12.43 28.02
N LYS A 189 -12.76 11.20 27.51
CA LYS A 189 -13.03 10.03 28.32
C LYS A 189 -11.76 9.33 28.79
N GLY A 190 -10.58 9.83 28.41
CA GLY A 190 -9.32 9.27 28.86
C GLY A 190 -8.52 8.50 27.82
N ALA A 191 -8.89 8.60 26.54
CA ALA A 191 -8.19 7.84 25.50
C ALA A 191 -6.77 8.39 25.31
N ASP A 192 -5.93 7.55 24.70
CA ASP A 192 -4.53 7.89 24.46
C ASP A 192 -4.35 8.31 23.02
N VAL A 193 -3.80 9.52 22.82
CA VAL A 193 -3.58 10.02 21.47
C VAL A 193 -2.46 9.29 20.74
N ASN A 194 -1.55 8.65 21.49
CA ASN A 194 -0.41 7.96 20.90
C ASN A 194 -0.65 6.46 20.75
N ALA A 195 -1.88 6.00 20.93
CA ALA A 195 -2.18 4.58 20.78
C ALA A 195 -2.01 4.14 19.33
N HIS A 196 -1.46 2.96 19.15
CA HIS A 196 -1.19 2.42 17.81
C HIS A 196 -1.92 1.10 17.64
N ASP A 197 -2.42 0.87 16.43
CA ASP A 197 -3.08 -0.40 16.10
C ASP A 197 -2.04 -1.47 15.79
N THR A 198 -2.47 -2.57 15.20
CA THR A 198 -1.56 -3.69 14.93
C THR A 198 -0.38 -3.25 14.07
N PHE A 199 -0.65 -2.54 12.98
CA PHE A 199 0.45 -2.10 12.12
C PHE A 199 1.19 -0.91 12.71
N GLY A 200 0.52 -0.08 13.51
CA GLY A 200 1.18 1.05 14.13
C GLY A 200 0.58 2.39 13.76
N PHE A 201 -0.62 2.38 13.18
CA PHE A 201 -1.29 3.61 12.79
C PHE A 201 -1.85 4.31 14.02
N THR A 202 -1.25 5.43 14.40
CA THR A 202 -1.80 6.27 15.45
C THR A 202 -3.04 6.99 14.93
N PRO A 203 -3.88 7.53 15.83
CA PRO A 203 -5.04 8.28 15.35
C PRO A 203 -4.67 9.43 14.43
N LEU A 204 -3.50 10.05 14.63
CA LEU A 204 -3.04 11.08 13.71
C LEU A 204 -2.79 10.51 12.32
N HIS A 205 -2.24 9.30 12.24
CA HIS A 205 -2.04 8.65 10.95
C HIS A 205 -3.35 8.53 10.18
N LEU A 206 -4.37 7.98 10.82
CA LEU A 206 -5.66 7.79 10.16
C LEU A 206 -6.32 9.12 9.84
N ALA A 207 -6.22 10.09 10.75
CA ALA A 207 -6.82 11.39 10.52
C ALA A 207 -6.19 12.10 9.33
N ALA A 208 -4.87 11.98 9.16
CA ALA A 208 -4.22 12.55 8.00
C ALA A 208 -4.50 11.76 6.74
N LEU A 209 -4.60 10.43 6.85
CA LEU A 209 -4.85 9.59 5.69
C LEU A 209 -6.24 9.83 5.11
N TYR A 210 -7.24 9.97 5.97
CA TYR A 210 -8.63 10.04 5.52
C TYR A 210 -9.11 11.48 5.26
N GLY A 211 -8.24 12.47 5.38
CA GLY A 211 -8.59 13.82 5.02
C GLY A 211 -9.46 14.56 6.01
N HIS A 212 -9.31 14.28 7.31
CA HIS A 212 -10.07 14.95 8.35
C HIS A 212 -9.17 15.98 9.02
N LEU A 213 -9.21 17.22 8.51
CA LEU A 213 -8.35 18.27 9.04
C LEU A 213 -8.70 18.60 10.48
N GLU A 214 -9.99 18.65 10.81
CA GLU A 214 -10.39 19.00 12.17
C GLU A 214 -9.90 17.98 13.18
N ILE A 215 -9.98 16.69 12.84
CA ILE A 215 -9.48 15.65 13.73
C ILE A 215 -7.97 15.77 13.89
N VAL A 216 -7.26 16.08 12.81
CA VAL A 216 -5.82 16.28 12.89
C VAL A 216 -5.50 17.42 13.85
N GLU A 217 -6.22 18.53 13.73
CA GLU A 217 -5.98 19.68 14.59
C GLU A 217 -6.27 19.34 16.05
N VAL A 218 -7.37 18.63 16.30
CA VAL A 218 -7.73 18.28 17.67
C VAL A 218 -6.68 17.35 18.27
N LEU A 219 -6.23 16.36 17.50
CA LEU A 219 -5.21 15.44 18.00
C LEU A 219 -3.90 16.18 18.28
N LEU A 220 -3.51 17.09 17.39
CA LEU A 220 -2.28 17.85 17.60
C LEU A 220 -2.38 18.72 18.85
N LYS A 221 -3.53 19.35 19.06
CA LYS A 221 -3.72 20.16 20.26
C LYS A 221 -3.69 19.28 21.52
N ARG A 222 -4.27 18.09 21.44
CA ARG A 222 -4.32 17.20 22.60
C ARG A 222 -2.99 16.55 22.92
N GLY A 223 -2.01 16.65 22.03
CA GLY A 223 -0.69 16.13 22.31
C GLY A 223 -0.31 14.90 21.53
N ALA A 224 -0.83 14.75 20.32
CA ALA A 224 -0.49 13.60 19.48
C ALA A 224 0.96 13.69 19.03
N ASP A 225 1.63 12.54 19.00
CA ASP A 225 3.01 12.46 18.54
C ASP A 225 3.03 12.63 17.03
N ILE A 226 3.45 13.82 16.58
CA ILE A 226 3.42 14.13 15.14
C ILE A 226 4.52 13.40 14.39
N ASN A 227 5.60 13.01 15.06
CA ASN A 227 6.71 12.32 14.43
C ASN A 227 6.61 10.80 14.56
N ALA A 228 5.52 10.29 15.13
CA ALA A 228 5.35 8.86 15.28
C ALA A 228 5.25 8.18 13.93
N ASP A 229 5.73 6.94 13.85
CA ASP A 229 5.74 6.17 12.62
C ASP A 229 5.21 4.77 12.88
N ASP A 230 4.58 4.19 11.86
CA ASP A 230 4.03 2.85 11.95
C ASP A 230 5.16 1.82 11.75
N SER A 231 4.79 0.55 11.57
CA SER A 231 5.78 -0.50 11.42
C SER A 231 6.63 -0.35 10.16
N TYR A 232 6.19 0.44 9.18
CA TYR A 232 6.96 0.68 7.97
C TYR A 232 7.64 2.04 7.99
N GLY A 233 7.64 2.73 9.13
CA GLY A 233 8.33 4.00 9.25
C GLY A 233 7.64 5.18 8.62
N ARG A 234 6.36 5.05 8.26
CA ARG A 234 5.63 6.12 7.59
C ARG A 234 5.00 7.04 8.64
N THR A 235 5.47 8.27 8.72
CA THR A 235 4.90 9.29 9.58
C THR A 235 3.58 9.78 8.99
N PRO A 236 2.75 10.45 9.80
CA PRO A 236 1.50 11.01 9.25
C PRO A 236 1.72 11.96 8.09
N LEU A 237 2.89 12.61 8.04
CA LEU A 237 3.22 13.45 6.89
C LEU A 237 3.33 12.62 5.62
N HIS A 238 3.89 11.41 5.72
CA HIS A 238 3.97 10.53 4.55
C HIS A 238 2.58 10.23 4.01
N LEU A 239 1.65 9.84 4.89
CA LEU A 239 0.30 9.51 4.46
C LEU A 239 -0.42 10.73 3.90
N ALA A 240 -0.27 11.88 4.56
CA ALA A 240 -0.91 13.10 4.07
C ALA A 240 -0.36 13.51 2.71
N ALA A 241 0.93 13.28 2.46
CA ALA A 241 1.50 13.60 1.16
C ALA A 241 1.02 12.61 0.09
N MET A 242 0.99 11.31 0.42
CA MET A 242 0.56 10.31 -0.55
C MET A 242 -0.93 10.42 -0.85
N ARG A 243 -1.72 11.03 0.03
CA ARG A 243 -3.14 11.24 -0.22
C ARG A 243 -3.44 12.57 -0.90
N GLY A 244 -2.43 13.42 -1.09
CA GLY A 244 -2.64 14.70 -1.75
C GLY A 244 -3.52 15.66 -0.98
N HIS A 245 -3.34 15.76 0.33
CA HIS A 245 -4.10 16.67 1.17
C HIS A 245 -3.24 17.90 1.45
N LEU A 246 -3.51 18.98 0.71
CA LEU A 246 -2.71 20.20 0.84
C LEU A 246 -2.85 20.82 2.23
N GLU A 247 -4.09 20.92 2.72
CA GLU A 247 -4.32 21.51 4.03
C GLU A 247 -3.66 20.70 5.13
N ILE A 248 -3.75 19.37 5.04
CA ILE A 248 -3.18 18.52 6.08
C ILE A 248 -1.66 18.60 6.10
N VAL A 249 -1.03 18.60 4.92
CA VAL A 249 0.43 18.68 4.90
C VAL A 249 0.89 20.05 5.37
N GLU A 250 0.16 21.11 5.00
CA GLU A 250 0.52 22.44 5.50
C GLU A 250 0.39 22.53 7.01
N LEU A 251 -0.68 21.94 7.56
CA LEU A 251 -0.86 21.95 9.02
C LEU A 251 0.24 21.14 9.71
N LEU A 252 0.59 19.98 9.16
CA LEU A 252 1.63 19.15 9.77
C LEU A 252 2.98 19.85 9.73
N LEU A 253 3.31 20.50 8.61
CA LEU A 253 4.56 21.25 8.54
C LEU A 253 4.55 22.45 9.47
N ARG A 254 3.37 23.05 9.67
CA ARG A 254 3.24 24.18 10.58
C ARG A 254 3.51 23.78 12.03
N TRP A 255 3.40 22.49 12.36
CA TRP A 255 3.62 22.00 13.71
C TRP A 255 5.00 21.35 13.87
N GLY A 256 5.90 21.56 12.92
CA GLY A 256 7.25 21.05 13.07
C GLY A 256 7.43 19.58 12.77
N ALA A 257 6.68 19.05 11.80
CA ALA A 257 6.85 17.67 11.40
C ALA A 257 8.19 17.48 10.70
N ASP A 258 8.73 16.27 10.79
CA ASP A 258 10.02 15.95 10.20
C ASP A 258 9.86 15.91 8.69
N VAL A 259 10.29 16.99 8.02
CA VAL A 259 10.13 17.09 6.58
C VAL A 259 10.93 16.01 5.86
N ASN A 260 12.15 15.78 6.33
CA ASN A 260 13.05 14.80 5.71
C ASN A 260 13.01 13.45 6.41
N ALA A 261 11.85 13.08 6.96
CA ALA A 261 11.72 11.79 7.62
C ALA A 261 11.85 10.65 6.62
N ALA A 262 12.33 9.51 7.09
CA ALA A 262 12.56 8.35 6.24
C ALA A 262 11.82 7.15 6.80
N ASP A 263 11.19 6.39 5.92
CA ASP A 263 10.52 5.15 6.29
C ASP A 263 11.48 3.98 6.17
N GLU A 264 10.95 2.76 6.21
CA GLU A 264 11.80 1.57 6.11
C GLU A 264 12.57 1.52 4.79
N GLU A 265 12.05 2.15 3.74
CA GLU A 265 12.74 2.27 2.47
C GLU A 265 13.45 3.60 2.31
N GLY A 266 13.45 4.43 3.35
CA GLY A 266 14.08 5.73 3.26
C GLY A 266 13.42 6.67 2.27
N ARG A 267 12.09 6.62 2.15
CA ARG A 267 11.36 7.44 1.20
C ARG A 267 10.93 8.74 1.88
N THR A 268 11.47 9.86 1.42
CA THR A 268 11.04 11.16 1.89
C THR A 268 9.59 11.39 1.46
N PRO A 269 8.80 12.11 2.26
CA PRO A 269 7.45 12.49 1.81
C PRO A 269 7.43 13.19 0.47
N LEU A 270 8.52 13.89 0.12
CA LEU A 270 8.65 14.44 -1.22
C LEU A 270 8.63 13.34 -2.27
N HIS A 271 9.33 12.22 -2.00
CA HIS A 271 9.32 11.10 -2.94
C HIS A 271 7.92 10.52 -3.10
N LEU A 272 7.19 10.36 -1.99
CA LEU A 272 5.83 9.84 -2.07
C LEU A 272 4.92 10.77 -2.86
N ALA A 273 5.02 12.08 -2.60
CA ALA A 273 4.19 13.04 -3.32
C ALA A 273 4.52 13.03 -4.81
N ALA A 274 5.81 12.92 -5.16
CA ALA A 274 6.20 12.87 -6.56
C ALA A 274 5.69 11.58 -7.22
N LYS A 275 5.82 10.45 -6.53
CA LYS A 275 5.38 9.18 -7.11
C LYS A 275 3.88 9.14 -7.33
N ARG A 276 3.11 9.65 -6.36
CA ARG A 276 1.66 9.70 -6.55
C ARG A 276 1.28 10.64 -7.68
N GLY A 277 1.95 11.78 -7.78
CA GLY A 277 1.66 12.74 -8.84
C GLY A 277 1.00 13.99 -8.34
N HIS A 278 1.31 14.39 -7.11
CA HIS A 278 0.72 15.56 -6.46
C HIS A 278 1.72 16.71 -6.55
N LEU A 279 1.52 17.59 -7.53
CA LEU A 279 2.44 18.70 -7.74
C LEU A 279 2.38 19.71 -6.60
N GLU A 280 1.17 20.02 -6.11
CA GLU A 280 1.03 21.00 -5.05
C GLU A 280 1.71 20.54 -3.77
N ILE A 281 1.57 19.26 -3.42
CA ILE A 281 2.25 18.72 -2.25
C ILE A 281 3.75 18.81 -2.43
N VAL A 282 4.24 18.51 -3.63
CA VAL A 282 5.68 18.57 -3.90
C VAL A 282 6.20 19.98 -3.69
N GLU A 283 5.51 20.98 -4.28
CA GLU A 283 6.01 22.35 -4.16
C GLU A 283 5.87 22.88 -2.73
N VAL A 284 4.83 22.48 -2.01
CA VAL A 284 4.70 22.91 -0.62
C VAL A 284 5.81 22.30 0.23
N LEU A 285 6.11 21.02 0.03
CA LEU A 285 7.21 20.40 0.77
C LEU A 285 8.54 21.06 0.43
N LEU A 286 8.77 21.36 -0.85
CA LEU A 286 10.00 22.03 -1.24
C LEU A 286 10.11 23.41 -0.61
N LYS A 287 9.00 24.14 -0.53
CA LYS A 287 9.03 25.47 0.07
C LYS A 287 9.43 25.42 1.55
N ASN A 288 9.12 24.32 2.23
CA ASN A 288 9.43 24.16 3.64
C ASN A 288 10.70 23.33 3.86
N GLY A 289 11.62 23.35 2.91
CA GLY A 289 12.90 22.69 3.08
C GLY A 289 12.88 21.18 2.88
N ALA A 290 12.56 20.74 1.67
CA ALA A 290 12.61 19.33 1.32
C ALA A 290 13.82 19.06 0.45
N ASP A 291 14.58 18.02 0.80
CA ASP A 291 15.81 17.70 0.08
C ASP A 291 15.46 17.07 -1.26
N VAL A 292 15.74 17.80 -2.34
CA VAL A 292 15.56 17.24 -3.67
C VAL A 292 16.55 16.10 -3.91
N ASN A 293 17.78 16.27 -3.43
CA ASN A 293 18.84 15.29 -3.59
C ASN A 293 18.76 14.14 -2.59
N ALA A 294 17.64 14.00 -1.90
CA ALA A 294 17.48 12.90 -0.94
C ALA A 294 17.45 11.57 -1.67
N GLN A 295 18.18 10.60 -1.13
CA GLN A 295 18.28 9.27 -1.72
C GLN A 295 17.69 8.25 -0.75
N ASP A 296 16.85 7.36 -1.27
CA ASP A 296 16.29 6.28 -0.48
C ASP A 296 17.30 5.15 -0.37
N LYS A 297 16.89 4.03 0.23
CA LYS A 297 17.78 2.89 0.37
C LYS A 297 18.07 2.20 -0.96
N PHE A 298 17.32 2.50 -2.00
CA PHE A 298 17.51 1.89 -3.31
C PHE A 298 18.12 2.87 -4.33
N GLY A 299 18.66 3.98 -3.85
CA GLY A 299 19.34 4.93 -4.72
C GLY A 299 18.47 5.63 -5.75
N LYS A 300 17.28 6.07 -5.35
CA LYS A 300 16.39 6.80 -6.24
C LYS A 300 15.99 8.12 -5.58
N THR A 301 16.10 9.21 -6.33
CA THR A 301 15.74 10.52 -5.84
C THR A 301 14.38 10.93 -6.40
N ALA A 302 13.92 12.12 -6.01
CA ALA A 302 12.65 12.62 -6.52
C ALA A 302 12.72 12.85 -8.03
N PHE A 303 13.86 13.35 -8.52
CA PHE A 303 14.03 13.54 -9.95
C PHE A 303 13.98 12.21 -10.70
N ASP A 304 14.58 11.16 -10.13
CA ASP A 304 14.52 9.84 -10.74
C ASP A 304 13.09 9.33 -10.81
N ILE A 305 12.32 9.54 -9.73
CA ILE A 305 10.92 9.13 -9.73
C ILE A 305 10.13 9.89 -10.79
N SER A 306 10.40 11.20 -10.92
CA SER A 306 9.73 11.98 -11.95
C SER A 306 10.07 11.47 -13.35
N ILE A 307 11.35 11.15 -13.58
CA ILE A 307 11.75 10.61 -14.88
C ILE A 307 11.07 9.27 -15.16
N ASP A 308 11.01 8.40 -14.14
CA ASP A 308 10.35 7.11 -14.31
C ASP A 308 8.87 7.29 -14.63
N ASN A 309 8.20 8.20 -13.92
CA ASN A 309 6.79 8.47 -14.20
C ASN A 309 6.61 9.20 -15.53
N GLY A 310 7.61 9.98 -15.94
CA GLY A 310 7.53 10.72 -17.18
C GLY A 310 6.72 11.98 -17.14
N ASN A 311 6.29 12.43 -15.96
CA ASN A 311 5.49 13.64 -15.84
C ASN A 311 6.36 14.86 -16.08
N GLU A 312 6.08 15.59 -17.17
CA GLU A 312 6.88 16.76 -17.50
C GLU A 312 6.71 17.87 -16.46
N ASP A 313 5.48 18.05 -15.96
CA ASP A 313 5.24 19.09 -14.97
C ASP A 313 5.99 18.81 -13.68
N LEU A 314 6.01 17.55 -13.25
CA LEU A 314 6.75 17.20 -12.04
C LEU A 314 8.24 17.44 -12.21
N ALA A 315 8.78 17.08 -13.38
CA ALA A 315 10.20 17.34 -13.64
C ALA A 315 10.50 18.84 -13.65
N GLU A 316 9.60 19.63 -14.25
CA GLU A 316 9.79 21.08 -14.27
C GLU A 316 9.77 21.65 -12.86
N ILE A 317 8.85 21.19 -12.01
CA ILE A 317 8.76 21.68 -10.65
C ILE A 317 9.99 21.28 -9.85
N LEU A 318 10.44 20.03 -9.99
CA LEU A 318 11.61 19.57 -9.26
C LEU A 318 12.91 20.23 -9.73
N GLN A 319 12.90 20.84 -10.90
CA GLN A 319 14.08 21.54 -11.41
C GLN A 319 14.01 23.03 -11.06
N MET B 21 20.88 -5.54 -10.68
CA MET B 21 19.69 -6.26 -10.24
C MET B 21 18.50 -5.99 -11.17
N THR B 22 17.56 -6.93 -11.21
CA THR B 22 16.38 -6.82 -12.05
C THR B 22 15.22 -6.33 -11.19
N GLU B 23 14.64 -5.19 -11.56
CA GLU B 23 13.52 -4.61 -10.83
C GLU B 23 12.23 -5.12 -11.45
N TYR B 24 11.57 -6.04 -10.75
CA TYR B 24 10.29 -6.58 -11.21
C TYR B 24 9.16 -5.71 -10.67
N LYS B 25 8.32 -5.20 -11.58
CA LYS B 25 7.22 -4.30 -11.20
C LYS B 25 5.96 -5.14 -11.03
N LEU B 26 5.86 -5.77 -9.85
CA LEU B 26 4.72 -6.62 -9.55
C LEU B 26 3.53 -5.78 -9.10
N VAL B 27 2.34 -6.32 -9.35
CA VAL B 27 1.09 -5.72 -8.88
C VAL B 27 0.27 -6.82 -8.22
N VAL B 28 -0.49 -6.45 -7.19
CA VAL B 28 -1.37 -7.37 -6.49
C VAL B 28 -2.77 -6.80 -6.54
N VAL B 29 -3.70 -7.54 -7.14
CA VAL B 29 -5.07 -7.09 -7.32
C VAL B 29 -6.03 -8.14 -6.77
N GLY B 30 -7.19 -7.68 -6.32
CA GLY B 30 -8.18 -8.58 -5.77
C GLY B 30 -9.33 -7.79 -5.17
N ALA B 31 -10.25 -8.53 -4.55
CA ALA B 31 -11.40 -7.92 -3.92
C ALA B 31 -11.05 -7.41 -2.53
N CYS B 32 -12.04 -6.85 -1.84
CA CYS B 32 -11.82 -6.31 -0.51
C CYS B 32 -11.71 -7.42 0.53
N GLY B 33 -10.72 -7.28 1.42
CA GLY B 33 -10.55 -8.22 2.51
C GLY B 33 -9.94 -9.54 2.14
N VAL B 34 -9.45 -9.71 0.91
CA VAL B 34 -8.91 -11.00 0.49
C VAL B 34 -7.51 -11.24 1.05
N GLY B 35 -6.79 -10.21 1.45
CA GLY B 35 -5.49 -10.36 2.05
C GLY B 35 -4.31 -9.91 1.21
N LYS B 36 -4.51 -9.00 0.26
CA LYS B 36 -3.39 -8.50 -0.55
C LYS B 36 -2.37 -7.79 0.33
N SER B 37 -2.84 -6.90 1.21
CA SER B 37 -1.94 -6.22 2.13
C SER B 37 -1.26 -7.20 3.06
N ALA B 38 -1.99 -8.20 3.54
CA ALA B 38 -1.40 -9.20 4.43
C ALA B 38 -0.31 -9.99 3.73
N LEU B 39 -0.55 -10.40 2.48
CA LEU B 39 0.47 -11.13 1.73
C LEU B 39 1.70 -10.27 1.48
N THR B 40 1.49 -9.02 1.08
CA THR B 40 2.63 -8.14 0.82
C THR B 40 3.44 -7.89 2.07
N ILE B 41 2.78 -7.66 3.20
CA ILE B 41 3.48 -7.44 4.46
C ILE B 41 4.20 -8.70 4.93
N GLN B 42 3.60 -9.88 4.70
CA GLN B 42 4.28 -11.12 5.04
C GLN B 42 5.54 -11.29 4.21
N LEU B 43 5.48 -10.95 2.92
CA LEU B 43 6.67 -11.06 2.09
C LEU B 43 7.74 -10.05 2.52
N ILE B 44 7.34 -8.82 2.85
CA ILE B 44 8.31 -7.75 3.07
C ILE B 44 8.92 -7.83 4.47
N GLN B 45 8.07 -7.95 5.50
CA GLN B 45 8.52 -7.89 6.88
C GLN B 45 8.45 -9.23 7.62
N ASN B 46 7.92 -10.28 7.01
CA ASN B 46 7.83 -11.61 7.62
C ASN B 46 7.04 -11.58 8.93
N HIS B 47 5.97 -10.80 8.96
CA HIS B 47 5.05 -10.83 10.09
C HIS B 47 3.65 -10.51 9.61
N PHE B 48 2.66 -11.17 10.21
CA PHE B 48 1.27 -11.05 9.78
C PHE B 48 0.57 -9.94 10.56
N VAL B 49 -0.23 -9.14 9.85
CA VAL B 49 -1.01 -8.07 10.45
C VAL B 49 -2.46 -8.54 10.55
N ASP B 50 -2.96 -8.62 11.78
CA ASP B 50 -4.33 -9.08 11.99
C ASP B 50 -5.34 -8.10 11.42
N GLU B 51 -5.10 -6.80 11.56
CA GLU B 51 -5.96 -5.77 11.01
C GLU B 51 -5.11 -4.73 10.29
N TYR B 52 -5.54 -4.37 9.08
CA TYR B 52 -4.84 -3.39 8.26
C TYR B 52 -5.84 -2.42 7.66
N ASP B 53 -5.36 -1.23 7.30
CA ASP B 53 -6.23 -0.21 6.75
C ASP B 53 -6.75 -0.65 5.39
N PRO B 54 -8.07 -0.62 5.16
CA PRO B 54 -8.61 -1.09 3.88
C PRO B 54 -8.13 -0.31 2.68
N THR B 55 -7.85 0.99 2.83
CA THR B 55 -7.58 1.87 1.69
C THR B 55 -6.16 2.42 1.73
N ILE B 56 -5.19 1.58 2.02
CA ILE B 56 -3.79 1.94 1.92
C ILE B 56 -3.24 1.36 0.62
N GLU B 57 -2.74 2.23 -0.25
CA GLU B 57 -2.19 1.84 -1.54
C GLU B 57 -0.78 2.41 -1.64
N ASP B 58 0.23 1.54 -1.52
CA ASP B 58 1.61 1.97 -1.56
C ASP B 58 2.46 0.85 -2.16
N SER B 59 3.60 1.23 -2.71
CA SER B 59 4.51 0.29 -3.37
C SER B 59 5.63 -0.10 -2.42
N TYR B 60 5.87 -1.40 -2.32
CA TYR B 60 6.90 -1.97 -1.46
C TYR B 60 8.02 -2.55 -2.31
N ARG B 61 9.27 -2.26 -1.94
CA ARG B 61 10.44 -2.75 -2.65
C ARG B 61 11.16 -3.77 -1.78
N LYS B 62 11.47 -4.92 -2.36
CA LYS B 62 12.07 -6.04 -1.64
C LYS B 62 13.23 -6.60 -2.44
N GLN B 63 14.28 -7.01 -1.74
CA GLN B 63 15.43 -7.67 -2.35
C GLN B 63 15.32 -9.17 -2.07
N VAL B 64 15.19 -9.96 -3.13
CA VAL B 64 14.97 -11.39 -2.99
C VAL B 64 16.06 -12.15 -3.74
N VAL B 65 16.20 -13.43 -3.42
CA VAL B 65 17.13 -14.33 -4.09
C VAL B 65 16.29 -15.41 -4.76
N ILE B 66 16.26 -15.41 -6.09
CA ILE B 66 15.50 -16.37 -6.87
C ILE B 66 16.46 -17.07 -7.82
N ASP B 67 16.48 -18.41 -7.77
CA ASP B 67 17.36 -19.24 -8.60
C ASP B 67 18.82 -18.87 -8.41
N GLY B 68 19.19 -18.43 -7.21
CA GLY B 68 20.54 -18.02 -6.93
C GLY B 68 20.90 -16.63 -7.42
N GLU B 69 19.95 -15.89 -7.98
CA GLU B 69 20.19 -14.56 -8.51
C GLU B 69 19.44 -13.52 -7.69
N THR B 70 20.11 -12.41 -7.41
CA THR B 70 19.49 -11.31 -6.67
C THR B 70 18.54 -10.54 -7.58
N CYS B 71 17.33 -10.30 -7.09
CA CYS B 71 16.31 -9.59 -7.86
C CYS B 71 15.62 -8.58 -6.96
N LEU B 72 15.03 -7.57 -7.59
CA LEU B 72 14.29 -6.52 -6.91
C LEU B 72 12.82 -6.62 -7.29
N LEU B 73 11.96 -6.71 -6.29
CA LEU B 73 10.52 -6.77 -6.49
C LEU B 73 9.90 -5.45 -6.06
N ASP B 74 9.19 -4.81 -6.99
CA ASP B 74 8.47 -3.56 -6.73
C ASP B 74 6.99 -3.89 -6.81
N ILE B 75 6.38 -4.15 -5.66
CA ILE B 75 5.05 -4.71 -5.56
C ILE B 75 4.07 -3.61 -5.18
N LEU B 76 3.00 -3.47 -5.97
CA LEU B 76 1.94 -2.52 -5.66
C LEU B 76 0.78 -3.25 -5.02
N ASP B 77 0.29 -2.71 -3.91
CA ASP B 77 -0.87 -3.26 -3.20
C ASP B 77 -2.06 -2.36 -3.53
N THR B 78 -2.73 -2.68 -4.64
CA THR B 78 -3.86 -1.87 -5.08
C THR B 78 -5.01 -2.00 -4.11
N ALA B 79 -5.32 -0.90 -3.39
CA ALA B 79 -6.41 -0.93 -2.42
C ALA B 79 -7.26 0.34 -2.49
N GLY B 80 -7.20 1.08 -3.59
CA GLY B 80 -7.99 2.30 -3.75
C GLY B 80 -9.18 2.06 -4.66
N GLN B 81 -10.36 2.42 -4.15
CA GLN B 81 -11.59 2.26 -4.91
C GLN B 81 -11.88 3.42 -5.84
N GLU B 82 -11.03 4.45 -5.86
CA GLU B 82 -11.25 5.60 -6.73
C GLU B 82 -11.18 5.19 -8.19
N GLU B 83 -12.10 5.75 -8.99
CA GLU B 83 -12.16 5.41 -10.41
C GLU B 83 -10.91 5.89 -11.14
N TYR B 84 -10.44 7.09 -10.84
CA TYR B 84 -9.30 7.69 -11.52
C TYR B 84 -8.13 7.83 -10.56
N SER B 85 -6.97 7.30 -10.95
CA SER B 85 -5.75 7.41 -10.16
C SER B 85 -4.58 7.29 -11.13
N ALA B 86 -3.93 8.41 -11.43
CA ALA B 86 -2.89 8.42 -12.45
C ALA B 86 -1.74 7.49 -12.09
N MET B 87 -1.29 7.53 -10.83
CA MET B 87 -0.21 6.66 -10.40
C MET B 87 -0.62 5.19 -10.53
N ARG B 88 -1.84 4.86 -10.13
CA ARG B 88 -2.28 3.46 -10.19
C ARG B 88 -2.33 2.95 -11.61
N ASP B 89 -2.90 3.72 -12.53
CA ASP B 89 -3.01 3.25 -13.92
C ASP B 89 -1.66 3.20 -14.60
N GLN B 90 -0.79 4.18 -14.31
CA GLN B 90 0.57 4.13 -14.86
C GLN B 90 1.32 2.89 -14.35
N TYR B 91 1.19 2.59 -13.06
CA TYR B 91 1.82 1.39 -12.52
C TYR B 91 1.24 0.13 -13.15
N MET B 92 -0.08 0.10 -13.35
CA MET B 92 -0.72 -1.07 -13.95
C MET B 92 -0.22 -1.29 -15.37
N ARG B 93 -0.13 -0.22 -16.16
CA ARG B 93 0.36 -0.35 -17.53
C ARG B 93 1.83 -0.76 -17.54
N THR B 94 2.63 -0.20 -16.63
CA THR B 94 4.04 -0.56 -16.55
C THR B 94 4.29 -1.85 -15.77
N GLY B 95 3.26 -2.41 -15.14
CA GLY B 95 3.45 -3.63 -14.37
C GLY B 95 3.77 -4.81 -15.28
N GLU B 96 4.55 -5.76 -14.74
CA GLU B 96 4.97 -6.93 -15.48
C GLU B 96 4.29 -8.22 -15.04
N GLY B 97 3.71 -8.24 -13.84
CA GLY B 97 3.03 -9.43 -13.36
C GLY B 97 1.97 -9.06 -12.36
N PHE B 98 0.92 -9.88 -12.29
CA PHE B 98 -0.24 -9.60 -11.46
C PHE B 98 -0.59 -10.81 -10.60
N LEU B 99 -0.70 -10.59 -9.29
CA LEU B 99 -1.21 -11.59 -8.36
C LEU B 99 -2.70 -11.34 -8.15
N CYS B 100 -3.53 -12.21 -8.71
CA CYS B 100 -4.98 -12.12 -8.50
C CYS B 100 -5.31 -12.89 -7.23
N VAL B 101 -5.47 -12.16 -6.13
CA VAL B 101 -5.65 -12.77 -4.82
C VAL B 101 -7.14 -12.78 -4.48
N PHE B 102 -7.64 -13.95 -4.08
CA PHE B 102 -9.02 -14.09 -3.65
C PHE B 102 -9.06 -14.94 -2.39
N ALA B 103 -10.09 -14.72 -1.58
CA ALA B 103 -10.28 -15.49 -0.35
C ALA B 103 -11.08 -16.74 -0.66
N ILE B 104 -10.56 -17.90 -0.26
CA ILE B 104 -11.23 -19.17 -0.55
C ILE B 104 -12.57 -19.26 0.16
N ASN B 105 -12.70 -18.58 1.30
CA ASN B 105 -13.96 -18.54 2.04
C ASN B 105 -14.89 -17.44 1.55
N ASN B 106 -14.71 -16.97 0.32
CA ASN B 106 -15.55 -15.92 -0.26
C ASN B 106 -15.71 -16.21 -1.75
N THR B 107 -16.90 -16.68 -2.13
CA THR B 107 -17.16 -16.99 -3.53
C THR B 107 -17.28 -15.71 -4.36
N LYS B 108 -17.72 -14.61 -3.75
CA LYS B 108 -17.85 -13.35 -4.48
C LYS B 108 -16.50 -12.88 -5.00
N SER B 109 -15.46 -13.00 -4.19
CA SER B 109 -14.12 -12.63 -4.64
C SER B 109 -13.66 -13.52 -5.79
N PHE B 110 -13.96 -14.82 -5.72
CA PHE B 110 -13.60 -15.72 -6.81
C PHE B 110 -14.32 -15.33 -8.11
N GLU B 111 -15.58 -14.93 -7.99
CA GLU B 111 -16.31 -14.47 -9.18
C GLU B 111 -15.73 -13.17 -9.72
N ASP B 112 -15.35 -12.25 -8.82
CA ASP B 112 -14.78 -10.98 -9.25
C ASP B 112 -13.35 -11.13 -9.78
N ILE B 113 -12.72 -12.29 -9.55
CA ILE B 113 -11.40 -12.54 -10.13
C ILE B 113 -11.47 -12.46 -11.65
N HIS B 114 -12.54 -12.98 -12.25
CA HIS B 114 -12.70 -12.87 -13.69
C HIS B 114 -12.83 -11.42 -14.14
N HIS B 115 -13.58 -10.60 -13.38
CA HIS B 115 -13.70 -9.20 -13.72
C HIS B 115 -12.36 -8.48 -13.64
N TYR B 116 -11.57 -8.77 -12.59
CA TYR B 116 -10.24 -8.18 -12.49
C TYR B 116 -9.35 -8.64 -13.64
N ARG B 117 -9.45 -9.91 -14.02
CA ARG B 117 -8.64 -10.43 -15.13
C ARG B 117 -8.98 -9.72 -16.43
N GLU B 118 -10.28 -9.54 -16.71
CA GLU B 118 -10.65 -8.86 -17.96
C GLU B 118 -10.31 -7.38 -17.93
N GLN B 119 -10.41 -6.74 -16.75
CA GLN B 119 -9.98 -5.35 -16.64
C GLN B 119 -8.49 -5.21 -16.93
N ILE B 120 -7.68 -6.11 -16.36
CA ILE B 120 -6.24 -6.07 -16.60
C ILE B 120 -5.94 -6.35 -18.06
N LYS B 121 -6.67 -7.29 -18.67
CA LYS B 121 -6.46 -7.59 -20.09
C LYS B 121 -6.77 -6.39 -20.96
N ARG B 122 -7.86 -5.67 -20.66
CA ARG B 122 -8.21 -4.49 -21.44
C ARG B 122 -7.19 -3.38 -21.24
N VAL B 123 -6.73 -3.17 -20.00
CA VAL B 123 -5.78 -2.09 -19.74
C VAL B 123 -4.44 -2.38 -20.41
N LYS B 124 -3.92 -3.59 -20.25
CA LYS B 124 -2.63 -3.94 -20.85
C LYS B 124 -2.74 -4.11 -22.36
N ASP B 125 -3.92 -4.45 -22.85
CA ASP B 125 -4.15 -4.69 -24.28
C ASP B 125 -3.21 -5.77 -24.82
N SER B 126 -2.99 -6.81 -24.01
CA SER B 126 -2.13 -7.92 -24.37
C SER B 126 -2.83 -9.23 -24.05
N GLU B 127 -2.73 -10.19 -24.98
CA GLU B 127 -3.36 -11.49 -24.77
C GLU B 127 -2.62 -12.30 -23.72
N ASP B 128 -1.29 -12.27 -23.74
CA ASP B 128 -0.47 -13.02 -22.79
C ASP B 128 0.04 -12.05 -21.74
N VAL B 129 -0.59 -12.08 -20.56
CA VAL B 129 -0.24 -11.24 -19.43
C VAL B 129 0.14 -12.17 -18.28
N PRO B 130 1.32 -11.99 -17.66
CA PRO B 130 1.69 -12.85 -16.53
C PRO B 130 0.80 -12.64 -15.30
N MET B 131 -0.03 -13.64 -15.00
CA MET B 131 -0.94 -13.57 -13.86
C MET B 131 -0.82 -14.86 -13.07
N VAL B 132 -1.01 -14.75 -11.75
CA VAL B 132 -0.99 -15.90 -10.85
C VAL B 132 -2.20 -15.81 -9.94
N LEU B 133 -3.02 -16.85 -9.95
CA LEU B 133 -4.17 -16.93 -9.04
C LEU B 133 -3.70 -17.36 -7.66
N VAL B 134 -4.13 -16.64 -6.63
CA VAL B 134 -3.74 -16.89 -5.26
C VAL B 134 -4.99 -17.08 -4.42
N GLY B 135 -5.05 -18.20 -3.69
CA GLY B 135 -6.12 -18.42 -2.74
C GLY B 135 -5.65 -18.19 -1.32
N ASN B 136 -6.00 -17.04 -0.75
CA ASN B 136 -5.55 -16.67 0.57
C ASN B 136 -6.43 -17.31 1.63
N LYS B 137 -6.02 -17.14 2.90
CA LYS B 137 -6.75 -17.66 4.05
C LYS B 137 -6.89 -19.18 3.98
N CYS B 138 -5.82 -19.85 3.55
CA CYS B 138 -5.80 -21.31 3.49
C CYS B 138 -5.88 -21.96 4.86
N ASP B 139 -5.54 -21.23 5.92
CA ASP B 139 -5.61 -21.79 7.27
C ASP B 139 -7.04 -21.96 7.76
N LEU B 140 -7.96 -21.14 7.28
CA LEU B 140 -9.35 -21.23 7.72
C LEU B 140 -9.94 -22.56 7.26
N PRO B 141 -10.67 -23.26 8.13
CA PRO B 141 -11.24 -24.56 7.75
C PRO B 141 -12.60 -24.49 7.07
N SER B 142 -13.24 -23.33 7.05
CA SER B 142 -14.54 -23.18 6.40
C SER B 142 -14.38 -22.70 4.97
N ARG B 143 -13.66 -23.50 4.18
CA ARG B 143 -13.43 -23.18 2.78
C ARG B 143 -14.74 -23.16 2.01
N THR B 144 -14.95 -22.12 1.22
CA THR B 144 -16.16 -21.97 0.43
C THR B 144 -15.94 -22.15 -1.06
N VAL B 145 -14.77 -21.79 -1.58
CA VAL B 145 -14.42 -21.98 -2.98
C VAL B 145 -13.63 -23.27 -3.08
N ASP B 146 -14.18 -24.25 -3.81
CA ASP B 146 -13.55 -25.56 -3.92
C ASP B 146 -12.22 -25.44 -4.66
N THR B 147 -11.25 -26.25 -4.24
CA THR B 147 -9.93 -26.23 -4.89
C THR B 147 -10.04 -26.67 -6.34
N LYS B 148 -10.94 -27.63 -6.63
CA LYS B 148 -11.09 -28.13 -7.99
C LYS B 148 -11.55 -27.02 -8.94
N GLN B 149 -12.51 -26.20 -8.51
CA GLN B 149 -13.00 -25.12 -9.36
C GLN B 149 -11.91 -24.09 -9.64
N ALA B 150 -11.14 -23.73 -8.61
CA ALA B 150 -10.05 -22.77 -8.81
C ALA B 150 -8.99 -23.33 -9.73
N GLN B 151 -8.64 -24.61 -9.56
CA GLN B 151 -7.64 -25.21 -10.44
C GLN B 151 -8.14 -25.29 -11.88
N ASP B 152 -9.43 -25.60 -12.06
CA ASP B 152 -9.98 -25.63 -13.41
C ASP B 152 -9.97 -24.25 -14.04
N LEU B 153 -10.31 -23.21 -13.27
CA LEU B 153 -10.24 -21.85 -13.81
C LEU B 153 -8.82 -21.48 -14.18
N ALA B 154 -7.86 -21.83 -13.33
CA ALA B 154 -6.45 -21.51 -13.60
C ALA B 154 -5.96 -22.23 -14.86
N ARG B 155 -6.32 -23.51 -15.02
CA ARG B 155 -5.88 -24.25 -16.20
C ARG B 155 -6.59 -23.78 -17.46
N SER B 156 -7.83 -23.28 -17.33
CA SER B 156 -8.50 -22.68 -18.47
C SER B 156 -7.85 -21.35 -18.86
N TYR B 157 -7.40 -20.57 -17.88
CA TYR B 157 -6.69 -19.33 -18.16
C TYR B 157 -5.22 -19.56 -18.49
N GLY B 158 -4.71 -20.78 -18.31
CA GLY B 158 -3.32 -21.06 -18.62
C GLY B 158 -2.31 -20.45 -17.66
N ILE B 159 -2.70 -20.21 -16.42
CA ILE B 159 -1.82 -19.57 -15.45
C ILE B 159 -1.78 -20.40 -14.17
N PRO B 160 -0.67 -20.41 -13.45
CA PRO B 160 -0.57 -21.25 -12.23
C PRO B 160 -1.51 -20.77 -11.13
N PHE B 161 -1.87 -21.71 -10.27
CA PHE B 161 -2.68 -21.44 -9.08
C PHE B 161 -1.91 -21.87 -7.85
N ILE B 162 -1.79 -20.97 -6.88
CA ILE B 162 -1.04 -21.22 -5.64
C ILE B 162 -1.93 -20.86 -4.47
N GLU B 163 -1.98 -21.74 -3.48
CA GLU B 163 -2.72 -21.49 -2.24
C GLU B 163 -1.76 -20.90 -1.20
N THR B 164 -2.14 -19.76 -0.63
CA THR B 164 -1.33 -19.08 0.37
C THR B 164 -2.15 -18.86 1.63
N SER B 165 -1.45 -18.57 2.73
CA SER B 165 -2.09 -18.27 4.00
C SER B 165 -1.20 -17.27 4.73
N ALA B 166 -1.61 -16.00 4.70
CA ALA B 166 -0.79 -14.94 5.29
C ALA B 166 -0.65 -15.08 6.80
N LYS B 167 -1.63 -15.69 7.47
CA LYS B 167 -1.52 -15.86 8.93
C LYS B 167 -0.38 -16.80 9.29
N THR B 168 -0.22 -17.89 8.55
CA THR B 168 0.87 -18.83 8.78
C THR B 168 2.04 -18.64 7.84
N ARG B 169 1.94 -17.69 6.89
CA ARG B 169 3.00 -17.40 5.93
C ARG B 169 3.43 -18.66 5.17
N GLN B 170 2.45 -19.40 4.69
CA GLN B 170 2.70 -20.61 3.92
C GLN B 170 2.29 -20.37 2.48
N GLY B 171 3.24 -20.48 1.55
CA GLY B 171 2.98 -20.32 0.14
C GLY B 171 3.10 -18.91 -0.39
N VAL B 172 3.29 -17.91 0.47
CA VAL B 172 3.45 -16.54 0.01
C VAL B 172 4.71 -16.42 -0.84
N ASP B 173 5.83 -16.91 -0.32
CA ASP B 173 7.07 -16.90 -1.08
C ASP B 173 6.94 -17.72 -2.35
N ASP B 174 6.27 -18.88 -2.26
CA ASP B 174 6.05 -19.71 -3.44
C ASP B 174 5.23 -18.97 -4.49
N ALA B 175 4.17 -18.27 -4.07
CA ALA B 175 3.35 -17.54 -5.02
C ALA B 175 4.13 -16.42 -5.69
N PHE B 176 4.88 -15.64 -4.91
CA PHE B 176 5.65 -14.55 -5.51
C PHE B 176 6.73 -15.08 -6.44
N TYR B 177 7.41 -16.16 -6.05
CA TYR B 177 8.43 -16.73 -6.93
C TYR B 177 7.81 -17.32 -8.18
N THR B 178 6.61 -17.90 -8.08
CA THR B 178 5.93 -18.39 -9.28
C THR B 178 5.59 -17.23 -10.21
N LEU B 179 5.13 -16.11 -9.66
CA LEU B 179 4.87 -14.94 -10.48
C LEU B 179 6.14 -14.45 -11.18
N VAL B 180 7.26 -14.41 -10.45
CA VAL B 180 8.51 -13.96 -11.05
C VAL B 180 8.95 -14.92 -12.16
N ARG B 181 8.83 -16.23 -11.92
CA ARG B 181 9.22 -17.20 -12.93
C ARG B 181 8.33 -17.09 -14.17
N GLU B 182 7.03 -16.86 -13.98
CA GLU B 182 6.15 -16.67 -15.13
C GLU B 182 6.52 -15.40 -15.90
N ILE B 183 6.88 -14.34 -15.18
CA ILE B 183 7.34 -13.12 -15.86
C ILE B 183 8.58 -13.41 -16.69
N ARG B 184 9.54 -14.15 -16.11
CA ARG B 184 10.76 -14.49 -16.83
C ARG B 184 10.47 -15.33 -18.06
N LYS B 185 9.56 -16.30 -17.93
CA LYS B 185 9.20 -17.14 -19.08
C LYS B 185 8.54 -16.32 -20.17
N HIS B 186 7.65 -15.40 -19.80
CA HIS B 186 7.02 -14.54 -20.81
C HIS B 186 8.04 -13.62 -21.48
N LYS B 187 8.99 -13.09 -20.72
CA LYS B 187 10.04 -12.26 -21.33
C LYS B 187 10.89 -13.07 -22.30
N GLU B 188 11.23 -14.30 -21.93
CA GLU B 188 12.03 -15.17 -22.78
C GLU B 188 11.15 -16.05 -23.66
MG MG C . -5.04 -3.23 1.49
PB GDP D . -6.79 -6.27 1.59
O1B GDP D . -6.47 -6.90 0.26
O2B GDP D . -5.91 -5.06 1.81
O3B GDP D . -8.24 -5.85 1.60
O3A GDP D . -6.52 -7.34 2.77
PA GDP D . -6.73 -6.92 4.30
O1A GDP D . -5.40 -6.58 4.93
O2A GDP D . -7.68 -5.75 4.42
O5' GDP D . -7.35 -8.24 4.98
C5' GDP D . -8.50 -8.12 5.80
C4' GDP D . -8.52 -9.24 6.83
O4' GDP D . -8.23 -10.50 6.22
C3' GDP D . -7.45 -9.02 7.89
O3' GDP D . -8.06 -8.59 9.12
C2' GDP D . -6.79 -10.37 8.09
O2' GDP D . -6.97 -10.80 9.44
C1' GDP D . -7.52 -11.32 7.16
N9 GDP D . -6.56 -12.20 6.46
C8 GDP D . -5.80 -11.89 5.39
N7 GDP D . -5.02 -12.93 5.01
C5 GDP D . -5.28 -13.94 5.86
C6 GDP D . -4.80 -15.34 6.02
O6 GDP D . -3.95 -15.83 5.25
N1 GDP D . -5.33 -16.07 7.02
C2 GDP D . -6.25 -15.57 7.86
N2 GDP D . -6.72 -16.37 8.85
N3 GDP D . -6.72 -14.30 7.77
C4 GDP D . -6.29 -13.46 6.81
C21 MOV E . -12.51 -2.67 -4.32
C20 MOV E . -11.50 -1.53 -4.43
C19 MOV E . -10.76 -1.21 -3.13
N6 MOV E . -9.93 -2.35 -2.73
C23 MOV E . -9.85 -2.78 -1.46
O2 MOV E . -9.18 -3.77 -1.17
C24 MOV E . -10.61 -2.04 -0.41
C25 MOV E . -11.57 -2.92 0.36
C18 MOV E . -9.18 -2.95 -3.84
C17 MOV E . -9.18 -2.02 -5.04
N2 MOV E . -10.53 -1.75 -5.53
C7 MOV E . -10.96 -1.58 -6.84
N3 MOV E . -12.23 -1.15 -6.99
C8 MOV E . -12.76 -0.94 -8.20
O1 MOV E . -13.92 -0.55 -8.32
N4 MOV E . -12.03 -1.18 -9.38
C9 MOV E . -12.65 -0.90 -10.66
C13 MOV E . -12.20 0.16 -11.46
C22 MOV E . -11.11 1.10 -11.01
C12 MOV E . -12.83 0.36 -12.67
C11 MOV E . -13.84 -0.50 -13.07
N5 MOV E . -14.26 -1.54 -12.34
C10 MOV E . -13.68 -1.76 -11.15
C14 MOV E . -14.20 -2.94 -10.35
C16 MOV E . -15.65 -3.20 -10.69
C15 MOV E . -13.35 -4.17 -10.63
C2 MOV E . -10.69 -1.58 -9.28
N1 MOV E . -10.04 -1.78 -10.44
C1 MOV E . -10.13 -1.81 -8.01
C5 MOV E . -8.80 -2.27 -7.99
C4 MOV E . -8.12 -2.45 -9.15
F1 MOV E . -6.85 -2.88 -9.11
C3 MOV E . -8.76 -2.20 -10.40
C6 MOV E . -8.15 -2.38 -11.75
C30 MOV E . -6.87 -2.90 -11.92
F2 MOV E . -6.13 -3.26 -10.85
C29 MOV E . -6.30 -3.06 -13.16
C28 MOV E . -7.03 -2.69 -14.28
C27 MOV E . -8.30 -2.17 -14.15
C26 MOV E . -8.87 -2.02 -12.89
O3 MOV E . -10.12 -1.50 -12.78
#